data_5WA3
#
_entry.id   5WA3
#
_cell.length_a   155.830
_cell.length_b   155.830
_cell.length_c   165.239
_cell.angle_alpha   90.00
_cell.angle_beta   90.00
_cell.angle_gamma   120.00
#
_symmetry.space_group_name_H-M   'H 3'
#
_entity_poly.entity_id   1
_entity_poly.type   'polypeptide(L)'
_entity_poly.pdbx_seq_one_letter_code
;SGSMAAGERWWRFRVDYHAGPMDDLILDGVRPAFAAFAAQAPMAYFLRHWRRGPHLRIYVSTTREALEAVVRPAIEHVVG
GYLRARPSPGMADPSAFLPLHERLAELEGEDGPLMPWSPDNTIHAEGERPEPLTVRDVLLADFYADTTPSVYHALERVRS
GASLPTIAFDLVVATAHALSTGGLPVARTSLRSHAEAYLARRSDGVRLRELWRDHYARNREAFTERLIAVASSAESAENG
AHLPHVREWVRRLRPIRERARALLESGELTLEYASPAEGARDLPSLAEVSAFHRELESRPEWARLRDSPAFGAYRLVINC
TYLHLTRLGLTPHQRFLVCHLAADAAADVYGIAAHEEVATR
;
_entity_poly.pdbx_strand_id   A,B
#
# COMPACT_ATOMS: atom_id res chain seq x y z
N GLU A 8 4.60 -21.76 -41.81
CA GLU A 8 4.21 -20.81 -42.90
C GLU A 8 3.00 -19.91 -42.60
N ARG A 9 2.04 -20.39 -41.82
CA ARG A 9 1.02 -19.52 -41.18
C ARG A 9 0.79 -19.96 -39.72
N TRP A 10 0.06 -19.15 -38.96
CA TRP A 10 -0.43 -19.55 -37.61
C TRP A 10 -1.89 -19.98 -37.71
N TRP A 11 -2.11 -21.22 -37.32
CA TRP A 11 -3.38 -21.86 -37.46
C TRP A 11 -3.94 -21.97 -36.06
N ARG A 12 -5.26 -21.85 -35.95
CA ARG A 12 -5.88 -21.69 -34.67
C ARG A 12 -6.95 -22.76 -34.42
N PHE A 13 -6.82 -23.47 -33.30
CA PHE A 13 -7.91 -24.33 -32.78
C PHE A 13 -8.47 -23.96 -31.42
N ARG A 14 -9.75 -24.21 -31.26
CA ARG A 14 -10.48 -24.07 -30.00
C ARG A 14 -10.83 -25.44 -29.37
N VAL A 15 -10.39 -25.68 -28.13
CA VAL A 15 -10.84 -26.84 -27.32
C VAL A 15 -11.74 -26.45 -26.14
N ASP A 16 -13.05 -26.53 -26.27
CA ASP A 16 -13.92 -26.28 -25.13
C ASP A 16 -13.79 -27.34 -23.98
N TYR A 17 -13.58 -26.85 -22.76
CA TYR A 17 -13.51 -27.66 -21.53
C TYR A 17 -13.93 -26.70 -20.37
N HIS A 18 -15.23 -26.57 -20.24
CA HIS A 18 -15.84 -25.58 -19.44
C HIS A 18 -15.63 -25.74 -17.92
N ALA A 19 -15.52 -26.96 -17.43
CA ALA A 19 -15.62 -27.21 -15.99
C ALA A 19 -14.71 -28.25 -15.42
N GLY A 20 -13.75 -28.72 -16.17
CA GLY A 20 -12.98 -29.84 -15.71
C GLY A 20 -11.57 -29.35 -15.66
N PRO A 21 -10.66 -30.17 -15.09
CA PRO A 21 -9.29 -29.70 -14.83
C PRO A 21 -8.45 -29.49 -16.10
N MET A 22 -8.34 -28.24 -16.49
CA MET A 22 -7.51 -27.80 -17.60
C MET A 22 -6.06 -28.23 -17.44
N ASP A 23 -5.60 -28.46 -16.21
CA ASP A 23 -4.20 -28.87 -16.05
C ASP A 23 -4.00 -30.25 -16.73
N ASP A 24 -5.00 -31.13 -16.58
CA ASP A 24 -4.93 -32.49 -17.09
C ASP A 24 -5.04 -32.46 -18.63
N LEU A 25 -6.11 -31.88 -19.15
CA LEU A 25 -6.20 -31.55 -20.58
C LEU A 25 -4.93 -31.03 -21.19
N ILE A 26 -4.16 -30.25 -20.49
CA ILE A 26 -2.90 -29.83 -21.07
C ILE A 26 -1.94 -31.01 -21.09
N LEU A 27 -1.76 -31.66 -19.96
CA LEU A 27 -0.68 -32.63 -19.78
C LEU A 27 -0.88 -33.95 -20.51
N ASP A 28 -2.13 -34.42 -20.48
CA ASP A 28 -2.61 -35.71 -21.00
C ASP A 28 -3.36 -35.68 -22.36
N GLY A 29 -3.62 -34.48 -22.91
CA GLY A 29 -4.32 -34.32 -24.19
C GLY A 29 -3.52 -33.54 -25.22
N VAL A 30 -3.01 -32.41 -24.81
CA VAL A 30 -2.40 -31.49 -25.74
C VAL A 30 -0.94 -31.78 -25.80
N ARG A 31 -0.32 -32.15 -24.69
CA ARG A 31 1.12 -32.44 -24.68
C ARG A 31 1.38 -33.60 -25.63
N PRO A 32 0.64 -34.72 -25.51
CA PRO A 32 0.85 -35.80 -26.48
C PRO A 32 0.58 -35.34 -27.92
N ALA A 33 -0.61 -34.85 -28.19
CA ALA A 33 -0.93 -34.31 -29.50
C ALA A 33 0.18 -33.46 -30.18
N PHE A 34 0.86 -32.64 -29.40
CA PHE A 34 1.87 -31.70 -29.89
C PHE A 34 3.10 -32.46 -30.29
N ALA A 35 3.41 -33.51 -29.51
CA ALA A 35 4.53 -34.46 -29.77
C ALA A 35 4.32 -35.19 -31.10
N ALA A 36 3.12 -35.75 -31.26
CA ALA A 36 2.71 -36.40 -32.47
C ALA A 36 2.85 -35.55 -33.73
N PHE A 37 2.98 -34.23 -33.63
CA PHE A 37 3.39 -33.47 -34.83
C PHE A 37 4.70 -32.69 -34.71
N ALA A 38 5.56 -33.07 -33.77
CA ALA A 38 6.74 -32.28 -33.49
C ALA A 38 7.67 -32.15 -34.70
N ALA A 39 7.84 -33.20 -35.50
CA ALA A 39 8.78 -33.13 -36.65
C ALA A 39 8.32 -32.19 -37.77
N GLN A 40 7.04 -32.22 -38.12
CA GLN A 40 6.46 -31.42 -39.24
C GLN A 40 6.04 -29.99 -38.85
N ALA A 41 5.71 -29.79 -37.57
CA ALA A 41 5.30 -28.48 -36.99
C ALA A 41 5.80 -28.29 -35.54
N PRO A 42 7.10 -28.02 -35.35
CA PRO A 42 7.61 -27.84 -33.99
C PRO A 42 7.12 -26.54 -33.27
N MET A 43 6.81 -25.48 -34.03
CA MET A 43 6.43 -24.16 -33.49
C MET A 43 4.93 -24.16 -33.18
N ALA A 44 4.62 -24.36 -31.90
CA ALA A 44 3.23 -24.40 -31.45
C ALA A 44 3.10 -24.21 -29.92
N TYR A 45 1.99 -23.57 -29.51
CA TYR A 45 1.71 -23.22 -28.09
C TYR A 45 0.20 -23.11 -27.89
N PHE A 46 -0.21 -22.92 -26.64
CA PHE A 46 -1.63 -22.75 -26.30
C PHE A 46 -1.88 -21.67 -25.16
N LEU A 47 -3.05 -20.99 -25.19
CA LEU A 47 -3.44 -20.02 -24.15
C LEU A 47 -4.79 -20.33 -23.51
N ARG A 48 -4.97 -19.95 -22.24
CA ARG A 48 -6.31 -20.00 -21.62
C ARG A 48 -7.21 -18.85 -22.11
N HIS A 49 -8.53 -19.02 -22.12
CA HIS A 49 -9.45 -17.94 -22.47
C HIS A 49 -10.87 -18.31 -22.07
N TRP A 50 -11.76 -17.32 -22.08
CA TRP A 50 -13.00 -17.31 -21.35
C TRP A 50 -14.19 -17.15 -22.26
N ARG A 51 -13.98 -16.60 -23.45
CA ARG A 51 -15.09 -16.20 -24.30
C ARG A 51 -15.94 -17.42 -24.76
N ARG A 52 -17.26 -17.27 -24.74
CA ARG A 52 -18.15 -18.36 -25.16
C ARG A 52 -17.87 -19.72 -24.50
N GLY A 53 -17.25 -19.70 -23.31
CA GLY A 53 -17.02 -20.87 -22.46
C GLY A 53 -15.53 -21.01 -22.17
N PRO A 54 -15.17 -21.55 -21.00
CA PRO A 54 -13.71 -21.65 -20.80
C PRO A 54 -13.20 -22.68 -21.80
N HIS A 55 -12.16 -22.27 -22.52
CA HIS A 55 -11.60 -23.08 -23.57
C HIS A 55 -10.11 -22.94 -23.66
N LEU A 56 -9.45 -23.83 -24.38
CA LEU A 56 -8.02 -23.63 -24.73
C LEU A 56 -7.97 -23.11 -26.16
N ARG A 57 -6.99 -22.27 -26.47
CA ARG A 57 -6.78 -21.71 -27.80
C ARG A 57 -5.45 -22.35 -28.21
N ILE A 58 -5.43 -23.04 -29.36
CA ILE A 58 -4.18 -23.68 -29.83
C ILE A 58 -3.65 -23.01 -31.07
N TYR A 59 -2.37 -22.60 -30.98
CA TYR A 59 -1.66 -21.91 -32.03
C TYR A 59 -0.56 -22.85 -32.56
N VAL A 60 -0.48 -22.97 -33.88
CA VAL A 60 0.54 -23.84 -34.50
C VAL A 60 0.94 -23.37 -35.92
N SER A 61 2.26 -23.30 -36.12
CA SER A 61 2.88 -22.70 -37.34
C SER A 61 3.25 -23.74 -38.44
N THR A 62 2.40 -23.89 -39.45
CA THR A 62 2.66 -24.76 -40.62
C THR A 62 1.95 -24.27 -41.86
N THR A 63 2.08 -25.07 -42.91
CA THR A 63 1.42 -24.89 -44.19
C THR A 63 0.05 -25.52 -44.12
N ARG A 64 -0.82 -25.21 -45.07
CA ARG A 64 -2.13 -25.88 -45.12
C ARG A 64 -1.97 -27.40 -45.37
N GLU A 65 -0.90 -27.78 -46.05
CA GLU A 65 -0.68 -29.17 -46.43
C GLU A 65 -0.44 -29.98 -45.16
N ALA A 66 0.44 -29.47 -44.30
CA ALA A 66 0.76 -30.11 -43.01
C ALA A 66 -0.42 -30.05 -42.01
N LEU A 67 -1.16 -28.94 -42.02
CA LEU A 67 -2.35 -28.85 -41.17
C LEU A 67 -3.29 -30.00 -41.48
N GLU A 68 -3.65 -30.17 -42.75
CA GLU A 68 -4.59 -31.20 -43.16
C GLU A 68 -3.98 -32.60 -43.02
N ALA A 69 -2.69 -32.72 -43.33
CA ALA A 69 -2.03 -34.03 -43.24
C ALA A 69 -1.87 -34.38 -41.79
N VAL A 70 -0.97 -33.72 -41.09
CA VAL A 70 -0.53 -34.21 -39.80
C VAL A 70 -1.17 -33.47 -38.58
N VAL A 71 -1.29 -32.14 -38.57
CA VAL A 71 -1.64 -31.38 -37.32
C VAL A 71 -3.11 -31.57 -36.87
N ARG A 72 -4.04 -31.14 -37.70
CA ARG A 72 -5.46 -31.28 -37.42
C ARG A 72 -5.87 -32.65 -36.92
N PRO A 73 -5.40 -33.75 -37.57
CA PRO A 73 -5.90 -35.08 -37.10
C PRO A 73 -5.26 -35.56 -35.80
N ALA A 74 -4.03 -35.10 -35.51
CA ALA A 74 -3.42 -35.39 -34.20
C ALA A 74 -4.24 -34.68 -33.07
N ILE A 75 -4.68 -33.45 -33.33
CA ILE A 75 -5.55 -32.81 -32.38
C ILE A 75 -6.87 -33.59 -32.30
N GLU A 76 -7.57 -33.77 -33.40
CA GLU A 76 -8.88 -34.42 -33.30
C GLU A 76 -8.83 -35.80 -32.60
N HIS A 77 -7.74 -36.54 -32.75
CA HIS A 77 -7.70 -37.91 -32.27
C HIS A 77 -7.10 -37.96 -30.86
N VAL A 78 -5.93 -37.34 -30.66
CA VAL A 78 -5.26 -37.43 -29.36
C VAL A 78 -6.05 -36.64 -28.28
N VAL A 79 -6.20 -35.34 -28.51
CA VAL A 79 -6.98 -34.42 -27.65
C VAL A 79 -8.39 -34.90 -27.53
N GLY A 80 -8.99 -35.29 -28.65
CA GLY A 80 -10.41 -35.77 -28.67
C GLY A 80 -10.61 -36.99 -27.79
N GLY A 81 -9.52 -37.72 -27.59
CA GLY A 81 -9.53 -38.97 -26.87
C GLY A 81 -9.62 -38.70 -25.43
N TYR A 82 -8.74 -37.77 -25.00
CA TYR A 82 -8.81 -37.12 -23.68
C TYR A 82 -10.22 -36.55 -23.41
N LEU A 83 -10.72 -35.64 -24.24
CA LEU A 83 -12.12 -35.25 -24.07
C LEU A 83 -13.13 -36.41 -23.79
N ARG A 84 -13.04 -37.53 -24.49
CA ARG A 84 -14.06 -38.59 -24.32
C ARG A 84 -13.88 -39.41 -23.02
N ALA A 85 -12.62 -39.61 -22.62
CA ALA A 85 -12.22 -40.18 -21.32
C ALA A 85 -12.59 -39.37 -20.06
N ARG A 86 -12.36 -38.06 -20.11
CA ARG A 86 -12.45 -37.16 -18.94
C ARG A 86 -13.27 -35.95 -19.31
N PRO A 87 -14.50 -36.14 -19.78
CA PRO A 87 -15.28 -34.98 -20.19
C PRO A 87 -15.56 -33.96 -19.09
N SER A 88 -15.70 -32.70 -19.48
CA SER A 88 -16.17 -31.66 -18.56
C SER A 88 -17.66 -31.85 -18.25
N PRO A 89 -18.01 -31.77 -16.96
CA PRO A 89 -19.39 -31.90 -16.51
C PRO A 89 -20.26 -30.77 -16.93
N GLY A 90 -19.67 -29.65 -17.33
CA GLY A 90 -20.44 -28.50 -17.83
C GLY A 90 -20.60 -27.41 -16.80
N MET A 91 -21.11 -26.27 -17.23
CA MET A 91 -21.36 -25.14 -16.35
C MET A 91 -22.88 -25.12 -16.18
N ALA A 92 -23.34 -24.96 -14.95
CA ALA A 92 -24.78 -24.88 -14.68
C ALA A 92 -25.54 -23.78 -15.51
N ASP A 93 -25.12 -22.51 -15.43
CA ASP A 93 -25.73 -21.43 -16.28
C ASP A 93 -24.69 -20.50 -16.89
N PRO A 94 -24.50 -20.57 -18.22
CA PRO A 94 -23.45 -19.73 -18.82
C PRO A 94 -23.79 -18.22 -18.76
N SER A 95 -25.06 -17.89 -18.82
CA SER A 95 -25.50 -16.51 -18.72
C SER A 95 -25.31 -15.90 -17.31
N ALA A 96 -24.97 -16.70 -16.33
CA ALA A 96 -24.58 -16.18 -15.03
C ALA A 96 -23.32 -15.38 -15.22
N PHE A 97 -22.53 -15.78 -16.21
CA PHE A 97 -21.27 -15.14 -16.51
C PHE A 97 -21.39 -13.95 -17.52
N LEU A 98 -22.58 -13.64 -18.06
CA LEU A 98 -22.64 -12.60 -19.09
C LEU A 98 -22.13 -11.25 -18.62
N PRO A 99 -22.63 -10.74 -17.48
CA PRO A 99 -22.17 -9.41 -17.10
C PRO A 99 -20.67 -9.32 -16.90
N LEU A 100 -20.04 -10.41 -16.46
CA LEU A 100 -18.60 -10.41 -16.32
C LEU A 100 -17.93 -10.40 -17.65
N HIS A 101 -18.46 -11.21 -18.55
CA HIS A 101 -17.89 -11.33 -19.89
C HIS A 101 -17.99 -10.02 -20.67
N GLU A 102 -19.17 -9.37 -20.62
CA GLU A 102 -19.38 -8.04 -21.21
C GLU A 102 -18.26 -7.05 -20.80
N ARG A 103 -17.83 -7.11 -19.52
CA ARG A 103 -16.78 -6.26 -18.96
C ARG A 103 -15.45 -6.61 -19.54
N LEU A 104 -15.01 -7.85 -19.31
CA LEU A 104 -13.78 -8.37 -19.90
C LEU A 104 -13.69 -8.13 -21.43
N ALA A 105 -14.81 -8.16 -22.15
CA ALA A 105 -14.77 -7.84 -23.55
C ALA A 105 -14.33 -6.38 -23.73
N GLU A 106 -15.03 -5.46 -23.11
CA GLU A 106 -14.69 -4.05 -23.18
C GLU A 106 -13.28 -3.83 -22.71
N LEU A 107 -12.89 -4.43 -21.60
CA LEU A 107 -11.54 -4.22 -21.05
C LEU A 107 -10.39 -4.61 -21.96
N GLU A 108 -10.60 -5.64 -22.76
CA GLU A 108 -9.57 -6.25 -23.59
C GLU A 108 -9.94 -6.17 -25.08
N GLY A 109 -11.00 -5.45 -25.45
CA GLY A 109 -11.51 -5.34 -26.84
C GLY A 109 -11.62 -6.67 -27.58
N GLU A 110 -12.77 -7.35 -27.49
CA GLU A 110 -12.94 -8.70 -28.02
C GLU A 110 -13.93 -8.79 -29.20
N ASP A 111 -14.96 -7.94 -29.18
CA ASP A 111 -15.80 -7.67 -30.37
C ASP A 111 -16.65 -8.85 -30.84
N GLY A 112 -16.05 -10.05 -30.92
CA GLY A 112 -16.76 -11.33 -31.10
C GLY A 112 -17.94 -11.66 -30.17
N PRO A 113 -18.85 -12.56 -30.61
CA PRO A 113 -20.03 -12.89 -29.81
C PRO A 113 -19.66 -13.55 -28.52
N LEU A 114 -20.56 -13.45 -27.56
CA LEU A 114 -20.25 -13.80 -26.15
C LEU A 114 -21.04 -14.96 -25.61
N MET A 115 -22.34 -14.93 -25.99
CA MET A 115 -23.38 -15.95 -25.99
C MET A 115 -23.71 -16.31 -27.46
N PRO A 116 -24.19 -17.55 -27.73
CA PRO A 116 -24.35 -18.60 -26.75
C PRO A 116 -22.98 -19.22 -26.68
N TRP A 117 -22.80 -20.06 -25.68
CA TRP A 117 -21.51 -20.64 -25.47
C TRP A 117 -21.31 -21.72 -26.55
N SER A 118 -20.06 -21.92 -26.94
CA SER A 118 -19.67 -23.05 -27.76
C SER A 118 -20.07 -24.34 -27.04
N PRO A 119 -20.37 -25.42 -27.78
CA PRO A 119 -20.66 -26.73 -27.16
C PRO A 119 -19.51 -27.24 -26.33
N ASP A 120 -19.81 -27.78 -25.16
CA ASP A 120 -18.74 -28.20 -24.28
C ASP A 120 -18.09 -29.46 -24.86
N ASN A 121 -16.80 -29.66 -24.60
CA ASN A 121 -16.08 -30.88 -24.84
C ASN A 121 -15.71 -31.13 -26.34
N THR A 122 -15.29 -30.09 -27.02
CA THR A 122 -15.34 -30.03 -28.45
C THR A 122 -14.13 -29.38 -29.06
N ILE A 123 -13.82 -29.76 -30.31
CA ILE A 123 -12.71 -29.15 -31.08
C ILE A 123 -13.24 -28.37 -32.28
N HIS A 124 -12.56 -27.31 -32.66
CA HIS A 124 -13.01 -26.47 -33.78
C HIS A 124 -11.77 -25.90 -34.40
N ALA A 125 -11.76 -25.92 -35.73
CA ALA A 125 -10.70 -25.31 -36.51
C ALA A 125 -11.15 -23.86 -36.60
N GLU A 126 -10.20 -22.92 -36.57
CA GLU A 126 -10.57 -21.52 -36.68
C GLU A 126 -9.88 -20.74 -37.80
N GLY A 127 -8.92 -21.31 -38.50
CA GLY A 127 -8.30 -20.61 -39.61
C GLY A 127 -6.96 -20.08 -39.19
N GLU A 128 -6.49 -19.10 -39.95
CA GLU A 128 -5.15 -18.58 -39.77
C GLU A 128 -5.26 -17.23 -39.09
N ARG A 129 -4.19 -16.79 -38.41
CA ARG A 129 -4.21 -15.52 -37.66
C ARG A 129 -4.49 -14.27 -38.52
N PRO A 130 -5.07 -13.16 -37.92
CA PRO A 130 -5.37 -11.87 -38.53
C PRO A 130 -5.04 -11.70 -40.00
N GLU A 131 -3.95 -11.00 -40.37
CA GLU A 131 -3.28 -11.22 -41.68
C GLU A 131 -1.73 -11.03 -41.56
N PRO A 132 -1.22 -9.81 -41.27
CA PRO A 132 0.20 -9.68 -40.91
C PRO A 132 0.41 -9.36 -39.40
N LEU A 133 1.34 -10.08 -38.77
CA LEU A 133 1.68 -9.88 -37.36
C LEU A 133 2.50 -8.64 -37.15
N THR A 134 2.32 -8.01 -35.98
CA THR A 134 3.32 -7.05 -35.50
C THR A 134 4.60 -7.75 -35.02
N VAL A 135 5.59 -6.92 -34.78
CA VAL A 135 6.90 -7.34 -34.31
C VAL A 135 6.78 -7.96 -32.90
N ARG A 136 5.97 -7.34 -32.04
CA ARG A 136 5.76 -7.83 -30.66
C ARG A 136 5.03 -9.17 -30.73
N ASP A 137 4.01 -9.25 -31.60
CA ASP A 137 3.26 -10.51 -31.75
C ASP A 137 4.24 -11.62 -32.04
N VAL A 138 5.06 -11.42 -33.05
CA VAL A 138 6.13 -12.36 -33.37
C VAL A 138 7.00 -12.70 -32.13
N LEU A 139 7.49 -11.71 -31.41
CA LEU A 139 8.40 -11.94 -30.28
C LEU A 139 7.72 -12.68 -29.15
N LEU A 140 6.41 -12.47 -29.02
CA LEU A 140 5.59 -13.04 -27.95
C LEU A 140 5.32 -14.51 -28.23
N ALA A 141 4.78 -14.79 -29.42
CA ALA A 141 4.61 -16.19 -29.90
C ALA A 141 5.88 -17.03 -29.78
N ASP A 142 7.02 -16.43 -30.11
CA ASP A 142 8.29 -17.11 -30.00
C ASP A 142 8.45 -17.47 -28.54
N PHE A 143 8.24 -16.51 -27.64
CA PHE A 143 8.34 -16.75 -26.17
C PHE A 143 7.38 -17.88 -25.72
N TYR A 144 6.12 -17.85 -26.18
CA TYR A 144 5.15 -18.81 -25.67
C TYR A 144 5.62 -20.23 -26.05
N ALA A 145 5.98 -20.41 -27.33
CA ALA A 145 6.46 -21.69 -27.88
C ALA A 145 7.70 -22.19 -27.16
N ASP A 146 8.71 -21.33 -27.03
CA ASP A 146 9.92 -21.65 -26.26
C ASP A 146 9.71 -22.12 -24.82
N THR A 147 8.57 -21.79 -24.21
CA THR A 147 8.32 -22.04 -22.79
C THR A 147 7.29 -23.09 -22.51
N THR A 148 6.76 -23.68 -23.59
CA THR A 148 5.80 -24.79 -23.45
C THR A 148 6.35 -25.98 -22.66
N PRO A 149 7.64 -26.34 -22.86
CA PRO A 149 8.23 -27.35 -21.96
C PRO A 149 8.15 -26.95 -20.50
N SER A 150 8.46 -25.68 -20.22
CA SER A 150 8.41 -25.14 -18.84
C SER A 150 7.01 -25.19 -18.22
N VAL A 151 5.98 -24.92 -19.04
CA VAL A 151 4.58 -25.15 -18.60
C VAL A 151 4.38 -26.59 -18.11
N TYR A 152 4.84 -27.57 -18.89
CA TYR A 152 4.55 -28.99 -18.55
C TYR A 152 5.32 -29.36 -17.29
N HIS A 153 6.57 -28.91 -17.21
CA HIS A 153 7.42 -29.16 -16.02
C HIS A 153 6.61 -28.80 -14.75
N ALA A 154 6.09 -27.58 -14.76
CA ALA A 154 5.41 -27.03 -13.63
C ALA A 154 4.11 -27.75 -13.30
N LEU A 155 3.29 -27.99 -14.30
CA LEU A 155 2.02 -28.63 -14.02
C LEU A 155 2.23 -30.06 -13.52
N GLU A 156 3.34 -30.69 -13.91
CA GLU A 156 3.75 -31.99 -13.38
C GLU A 156 4.02 -31.93 -11.88
N ARG A 157 5.02 -31.11 -11.52
CA ARG A 157 5.28 -30.71 -10.09
C ARG A 157 3.96 -30.36 -9.34
N VAL A 158 3.14 -29.46 -9.90
CA VAL A 158 1.81 -29.22 -9.28
C VAL A 158 0.97 -30.49 -9.17
N ARG A 159 0.96 -31.34 -10.19
CA ARG A 159 0.12 -32.52 -10.12
C ARG A 159 0.60 -33.51 -9.07
N SER A 160 1.91 -33.72 -9.00
CA SER A 160 2.50 -34.53 -7.92
C SER A 160 2.58 -33.85 -6.52
N GLY A 161 1.59 -33.02 -6.13
CA GLY A 161 1.55 -32.31 -4.82
C GLY A 161 2.15 -30.89 -4.58
N ALA A 162 3.07 -30.39 -5.43
CA ALA A 162 3.76 -29.07 -5.18
C ALA A 162 2.83 -27.86 -5.32
N SER A 163 3.24 -26.73 -4.73
CA SER A 163 2.35 -25.53 -4.64
C SER A 163 2.60 -24.52 -5.77
N LEU A 164 1.49 -24.07 -6.35
CA LEU A 164 1.60 -23.24 -7.57
C LEU A 164 2.03 -21.82 -7.29
N PRO A 165 1.40 -21.18 -6.26
CA PRO A 165 1.92 -19.93 -5.66
C PRO A 165 3.42 -19.90 -5.45
N THR A 166 3.98 -20.92 -4.80
CA THR A 166 5.44 -21.03 -4.66
C THR A 166 6.24 -21.05 -5.96
N ILE A 167 5.68 -21.61 -7.05
CA ILE A 167 6.38 -21.71 -8.34
C ILE A 167 6.30 -20.34 -8.98
N ALA A 168 5.10 -19.73 -8.95
CA ALA A 168 4.97 -18.30 -9.31
C ALA A 168 6.06 -17.43 -8.62
N PHE A 169 6.30 -17.71 -7.34
CA PHE A 169 7.28 -16.98 -6.58
C PHE A 169 8.68 -17.13 -7.18
N ASP A 170 9.18 -18.36 -7.26
CA ASP A 170 10.55 -18.66 -7.75
C ASP A 170 10.83 -18.00 -9.11
N LEU A 171 9.82 -18.02 -9.97
CA LEU A 171 9.95 -17.56 -11.34
C LEU A 171 10.01 -16.07 -11.43
N VAL A 172 9.06 -15.39 -10.75
CA VAL A 172 8.98 -13.92 -10.68
C VAL A 172 10.28 -13.40 -10.11
N VAL A 173 10.67 -13.96 -8.99
CA VAL A 173 11.88 -13.55 -8.30
C VAL A 173 13.10 -13.69 -9.24
N ALA A 174 13.26 -14.88 -9.81
CA ALA A 174 14.38 -15.16 -10.67
C ALA A 174 14.48 -14.16 -11.82
N THR A 175 13.37 -13.92 -12.52
CA THR A 175 13.35 -12.96 -13.63
C THR A 175 13.75 -11.54 -13.17
N ALA A 176 13.42 -11.22 -11.93
CA ALA A 176 13.75 -9.93 -11.30
C ALA A 176 15.25 -9.77 -10.98
N HIS A 177 15.83 -10.78 -10.32
CA HIS A 177 17.26 -10.74 -9.93
C HIS A 177 18.26 -10.91 -11.10
N ALA A 178 17.90 -11.71 -12.12
CA ALA A 178 18.85 -12.08 -13.16
C ALA A 178 18.73 -11.26 -14.41
N LEU A 179 17.58 -10.65 -14.69
CA LEU A 179 17.42 -9.89 -15.97
C LEU A 179 17.10 -8.40 -15.79
N SER A 180 17.38 -7.82 -14.64
CA SER A 180 17.27 -6.36 -14.45
C SER A 180 18.65 -5.70 -14.42
N THR A 181 18.72 -4.40 -14.77
CA THR A 181 19.96 -3.60 -14.76
C THR A 181 20.70 -3.59 -13.43
N GLY A 182 20.03 -3.87 -12.31
CA GLY A 182 20.74 -3.94 -11.01
C GLY A 182 20.30 -5.00 -10.04
N GLY A 183 19.63 -6.02 -10.54
CA GLY A 183 19.20 -7.12 -9.71
C GLY A 183 18.08 -6.79 -8.75
N LEU A 184 17.84 -7.74 -7.86
CA LEU A 184 16.69 -7.69 -6.97
C LEU A 184 16.59 -6.43 -6.12
N PRO A 185 17.71 -5.96 -5.52
CA PRO A 185 17.59 -4.78 -4.68
C PRO A 185 16.97 -3.55 -5.37
N VAL A 186 17.11 -3.41 -6.68
CA VAL A 186 16.44 -2.33 -7.45
C VAL A 186 15.04 -2.72 -8.06
N ALA A 187 14.87 -3.97 -8.50
CA ALA A 187 13.65 -4.34 -9.22
C ALA A 187 12.52 -4.81 -8.30
N ARG A 188 12.79 -4.89 -6.99
CA ARG A 188 11.69 -5.12 -6.03
C ARG A 188 10.67 -3.95 -5.99
N THR A 189 11.08 -2.75 -6.43
CA THR A 189 10.20 -1.60 -6.57
C THR A 189 9.21 -1.84 -7.67
N SER A 190 9.67 -2.36 -8.81
CA SER A 190 8.74 -2.74 -9.91
C SER A 190 7.80 -3.87 -9.46
N LEU A 191 8.26 -4.83 -8.66
CA LEU A 191 7.31 -5.82 -8.12
C LEU A 191 6.26 -5.18 -7.25
N ARG A 192 6.67 -4.31 -6.30
CA ARG A 192 5.70 -3.65 -5.42
C ARG A 192 4.74 -2.87 -6.24
N SER A 193 5.32 -2.09 -7.14
CA SER A 193 4.59 -1.32 -8.08
C SER A 193 3.51 -2.15 -8.78
N HIS A 194 3.87 -3.35 -9.24
CA HIS A 194 2.92 -4.21 -9.95
C HIS A 194 1.77 -4.61 -9.02
N ALA A 195 2.04 -5.04 -7.80
CA ALA A 195 0.92 -5.38 -6.89
C ALA A 195 0.10 -4.17 -6.52
N GLU A 196 0.79 -3.04 -6.36
CA GLU A 196 0.18 -1.81 -5.89
C GLU A 196 -0.86 -1.31 -6.86
N ALA A 197 -0.66 -1.51 -8.16
CA ALA A 197 -1.66 -1.02 -9.13
C ALA A 197 -2.96 -1.76 -9.01
N TYR A 198 -2.94 -2.94 -8.39
CA TYR A 198 -4.14 -3.73 -8.18
C TYR A 198 -4.77 -3.35 -6.87
N LEU A 199 -4.00 -3.35 -5.78
CA LEU A 199 -4.52 -2.86 -4.46
C LEU A 199 -5.16 -1.44 -4.59
N ALA A 200 -4.55 -0.57 -5.38
CA ALA A 200 -5.05 0.77 -5.65
C ALA A 200 -6.44 0.93 -6.21
N ARG A 201 -7.00 -0.07 -6.85
CA ARG A 201 -8.33 0.09 -7.47
C ARG A 201 -9.33 -0.84 -6.82
N ARG A 202 -8.94 -1.47 -5.72
CA ARG A 202 -9.81 -2.34 -4.93
C ARG A 202 -10.30 -1.61 -3.67
N SER A 203 -11.61 -1.42 -3.58
CA SER A 203 -12.26 -0.70 -2.50
C SER A 203 -11.88 -1.27 -1.13
N ASP A 204 -11.65 -2.58 -1.02
CA ASP A 204 -11.10 -3.16 0.24
C ASP A 204 -9.55 -3.34 0.29
N GLY A 205 -8.85 -2.44 -0.42
CA GLY A 205 -7.39 -2.49 -0.54
C GLY A 205 -6.70 -2.44 0.81
N VAL A 206 -7.35 -1.70 1.71
CA VAL A 206 -6.82 -1.51 3.02
C VAL A 206 -6.83 -2.86 3.70
N ARG A 207 -8.01 -3.43 3.88
CA ARG A 207 -8.09 -4.80 4.47
C ARG A 207 -7.28 -5.81 3.66
N LEU A 208 -7.30 -5.70 2.34
CA LEU A 208 -6.41 -6.55 1.54
C LEU A 208 -5.00 -6.48 2.03
N ARG A 209 -4.43 -5.28 2.08
CA ARG A 209 -3.04 -5.13 2.52
C ARG A 209 -2.80 -5.70 3.93
N GLU A 210 -3.80 -5.62 4.84
CA GLU A 210 -3.65 -6.20 6.19
C GLU A 210 -3.51 -7.72 6.07
N LEU A 211 -4.43 -8.36 5.31
CA LEU A 211 -4.43 -9.83 5.12
C LEU A 211 -3.11 -10.23 4.54
N TRP A 212 -2.75 -9.59 3.42
CA TRP A 212 -1.46 -9.84 2.78
C TRP A 212 -0.27 -9.62 3.65
N ARG A 213 -0.35 -8.70 4.60
CA ARG A 213 0.81 -8.50 5.45
C ARG A 213 0.84 -9.43 6.66
N ASP A 214 -0.34 -9.79 7.19
CA ASP A 214 -0.45 -10.87 8.18
C ASP A 214 0.24 -12.11 7.61
N HIS A 215 -0.21 -12.53 6.41
CA HIS A 215 0.34 -13.71 5.70
C HIS A 215 1.84 -13.69 5.65
N TYR A 216 2.37 -12.56 5.21
CA TYR A 216 3.81 -12.38 5.16
C TYR A 216 4.40 -12.62 6.55
N ALA A 217 3.78 -12.06 7.59
CA ALA A 217 4.39 -12.06 8.92
C ALA A 217 4.41 -13.48 9.47
N ARG A 218 3.25 -14.15 9.41
CA ARG A 218 3.15 -15.59 9.73
C ARG A 218 4.21 -16.48 9.04
N ASN A 219 4.65 -16.14 7.83
CA ASN A 219 5.57 -17.00 7.07
C ASN A 219 6.90 -16.34 6.75
N ARG A 220 7.27 -15.33 7.53
CA ARG A 220 8.39 -14.47 7.15
C ARG A 220 9.65 -15.25 6.86
N GLU A 221 9.90 -16.27 7.69
CA GLU A 221 11.12 -17.06 7.55
C GLU A 221 11.08 -17.87 6.23
N ALA A 222 9.96 -18.54 5.96
CA ALA A 222 9.79 -19.29 4.70
C ALA A 222 10.17 -18.49 3.45
N PHE A 223 9.56 -17.31 3.30
CA PHE A 223 9.74 -16.46 2.11
C PHE A 223 11.11 -15.84 1.94
N THR A 224 11.74 -15.44 3.04
CA THR A 224 13.07 -14.83 3.00
C THR A 224 14.14 -15.88 2.68
N GLU A 225 14.00 -17.07 3.30
CA GLU A 225 14.87 -18.23 3.01
C GLU A 225 14.80 -18.49 1.50
N ARG A 226 13.58 -18.83 1.06
CA ARG A 226 13.26 -19.07 -0.34
C ARG A 226 13.73 -17.95 -1.27
N LEU A 227 13.57 -16.69 -0.85
CA LEU A 227 14.02 -15.58 -1.68
C LEU A 227 15.51 -15.66 -1.97
N ILE A 228 16.36 -15.89 -0.95
CA ILE A 228 17.82 -15.89 -1.19
C ILE A 228 18.25 -17.13 -2.00
N ALA A 229 17.59 -18.27 -1.75
CA ALA A 229 17.80 -19.53 -2.53
C ALA A 229 17.66 -19.24 -4.01
N VAL A 230 16.47 -18.79 -4.41
CA VAL A 230 16.19 -18.42 -5.79
C VAL A 230 17.18 -17.39 -6.33
N ALA A 231 17.63 -16.51 -5.44
CA ALA A 231 18.58 -15.47 -5.81
C ALA A 231 19.93 -16.07 -6.17
N SER A 232 20.44 -17.01 -5.37
CA SER A 232 21.76 -17.63 -5.67
C SER A 232 21.65 -18.53 -6.90
N SER A 233 20.64 -19.40 -6.90
CA SER A 233 20.32 -20.23 -8.06
C SER A 233 20.42 -19.46 -9.39
N ALA A 234 19.96 -18.21 -9.39
CA ALA A 234 19.94 -17.44 -10.61
C ALA A 234 21.25 -16.73 -10.95
N GLU A 235 22.34 -17.01 -10.23
CA GLU A 235 23.63 -16.35 -10.47
C GLU A 235 24.84 -17.29 -10.27
N SER A 236 24.65 -18.59 -10.46
CA SER A 236 25.65 -19.58 -10.04
C SER A 236 26.93 -19.69 -10.92
N ALA A 237 26.80 -19.54 -12.25
CA ALA A 237 27.88 -19.89 -13.22
C ALA A 237 28.49 -21.31 -13.00
N GLU A 238 27.72 -22.17 -12.32
CA GLU A 238 28.13 -23.51 -11.87
C GLU A 238 26.88 -24.38 -11.98
N ASN A 239 26.71 -25.01 -13.15
CA ASN A 239 25.45 -25.65 -13.58
C ASN A 239 25.02 -26.85 -12.73
N GLY A 240 24.52 -26.56 -11.52
CA GLY A 240 24.02 -27.60 -10.62
C GLY A 240 23.74 -27.12 -9.20
N ALA A 241 22.99 -26.03 -9.07
CA ALA A 241 22.59 -25.46 -7.77
C ALA A 241 21.63 -26.41 -7.01
N HIS A 242 21.00 -25.95 -5.94
CA HIS A 242 19.97 -26.74 -5.23
C HIS A 242 18.62 -26.78 -6.00
N LEU A 243 18.39 -25.84 -6.93
CA LEU A 243 17.13 -25.74 -7.69
C LEU A 243 17.36 -25.57 -9.22
N PRO A 244 16.75 -26.47 -10.03
CA PRO A 244 16.98 -26.47 -11.47
C PRO A 244 16.01 -25.59 -12.28
N HIS A 245 14.70 -25.60 -11.95
CA HIS A 245 13.66 -24.90 -12.79
C HIS A 245 13.90 -23.40 -12.93
N VAL A 246 14.24 -22.77 -11.80
CA VAL A 246 14.78 -21.42 -11.78
C VAL A 246 15.93 -21.22 -12.79
N ARG A 247 16.94 -22.09 -12.75
CA ARG A 247 18.15 -21.90 -13.54
C ARG A 247 17.83 -22.08 -15.05
N GLU A 248 16.92 -23.03 -15.37
CA GLU A 248 16.36 -23.16 -16.75
C GLU A 248 15.48 -21.97 -17.19
N TRP A 249 14.62 -21.48 -16.28
CA TRP A 249 13.77 -20.34 -16.62
C TRP A 249 14.61 -19.13 -17.01
N VAL A 250 15.67 -18.86 -16.22
CA VAL A 250 16.58 -17.75 -16.51
C VAL A 250 17.11 -17.97 -17.92
N ARG A 251 17.66 -19.18 -18.07
CA ARG A 251 18.36 -19.62 -19.27
C ARG A 251 17.48 -19.43 -20.52
N ARG A 252 16.22 -19.88 -20.45
CA ARG A 252 15.25 -19.66 -21.57
C ARG A 252 14.98 -18.20 -21.91
N LEU A 253 15.00 -17.32 -20.90
CA LEU A 253 14.59 -15.93 -21.07
C LEU A 253 15.67 -14.97 -21.54
N ARG A 254 16.92 -15.20 -21.09
CA ARG A 254 18.10 -14.38 -21.50
C ARG A 254 18.14 -14.10 -23.05
N PRO A 255 17.91 -15.14 -23.89
CA PRO A 255 17.76 -14.90 -25.35
C PRO A 255 16.76 -13.81 -25.74
N ILE A 256 15.62 -13.76 -25.03
CA ILE A 256 14.45 -12.96 -25.44
C ILE A 256 14.60 -11.49 -25.04
N ARG A 257 15.22 -11.19 -23.89
CA ARG A 257 15.60 -9.78 -23.64
C ARG A 257 16.43 -9.27 -24.79
N GLU A 258 17.41 -10.08 -25.21
CA GLU A 258 18.40 -9.64 -26.18
C GLU A 258 17.71 -9.28 -27.46
N ARG A 259 16.87 -10.19 -27.94
CA ARG A 259 16.19 -9.95 -29.21
C ARG A 259 15.23 -8.76 -29.12
N ALA A 260 14.71 -8.50 -27.91
CA ALA A 260 13.82 -7.36 -27.63
C ALA A 260 14.56 -6.07 -27.36
N ARG A 261 15.65 -6.14 -26.58
CA ARG A 261 16.51 -4.98 -26.30
C ARG A 261 17.17 -4.53 -27.60
N ALA A 262 17.58 -5.51 -28.41
CA ALA A 262 18.09 -5.24 -29.75
C ALA A 262 17.08 -4.44 -30.56
N LEU A 263 15.83 -4.90 -30.62
CA LEU A 263 14.81 -4.21 -31.43
C LEU A 263 13.99 -3.12 -30.69
N LEU A 264 14.58 -2.57 -29.63
CA LEU A 264 14.17 -1.30 -29.01
C LEU A 264 15.18 -0.17 -29.38
N GLU A 265 16.48 -0.47 -29.34
CA GLU A 265 17.50 0.50 -29.82
C GLU A 265 17.81 0.43 -31.32
N SER A 266 17.20 -0.52 -32.03
CA SER A 266 17.06 -0.47 -33.49
C SER A 266 15.63 -0.06 -33.88
N GLY A 267 14.67 -0.19 -32.95
CA GLY A 267 13.53 0.75 -32.82
C GLY A 267 12.15 0.55 -33.45
N GLU A 268 11.36 -0.39 -32.93
CA GLU A 268 9.94 -0.57 -33.33
C GLU A 268 8.92 -0.22 -32.24
N LEU A 269 9.14 -0.72 -31.02
CA LEU A 269 8.04 -1.03 -30.12
C LEU A 269 7.50 0.17 -29.29
N THR A 270 8.19 0.54 -28.21
CA THR A 270 7.64 1.36 -27.10
C THR A 270 6.68 2.47 -27.54
N ASP A 307 17.00 4.56 -22.26
CA ASP A 307 16.72 3.51 -21.29
C ASP A 307 16.41 2.13 -21.87
N SER A 308 16.35 1.97 -23.20
CA SER A 308 15.69 0.79 -23.80
C SER A 308 16.03 -0.50 -23.03
N PRO A 309 17.32 -0.90 -22.98
CA PRO A 309 17.62 -2.09 -22.16
C PRO A 309 17.01 -2.09 -20.74
N ALA A 310 17.25 -1.01 -19.97
CA ALA A 310 17.01 -0.96 -18.50
C ALA A 310 15.57 -1.22 -18.08
N PHE A 311 14.69 -0.25 -18.34
CA PHE A 311 13.25 -0.49 -18.27
C PHE A 311 12.74 -0.48 -19.71
N GLY A 312 12.90 -1.63 -20.39
CA GLY A 312 12.29 -1.88 -21.73
C GLY A 312 12.37 -3.34 -22.16
N ALA A 313 13.57 -3.85 -22.24
CA ALA A 313 13.79 -5.28 -22.38
C ALA A 313 13.25 -5.99 -21.13
N TYR A 314 13.71 -5.59 -19.95
CA TYR A 314 13.27 -6.21 -18.69
C TYR A 314 11.78 -5.93 -18.41
N ARG A 315 11.24 -4.82 -18.93
CA ARG A 315 9.80 -4.57 -18.83
C ARG A 315 9.04 -5.72 -19.52
N LEU A 316 9.49 -6.05 -20.72
CA LEU A 316 8.77 -6.99 -21.56
C LEU A 316 8.85 -8.43 -21.04
N VAL A 317 10.02 -8.88 -20.59
CA VAL A 317 10.18 -10.25 -20.09
C VAL A 317 9.68 -10.49 -18.67
N ILE A 318 9.45 -9.42 -17.89
CA ILE A 318 8.71 -9.59 -16.65
C ILE A 318 7.23 -9.72 -17.04
N ASN A 319 6.74 -8.88 -17.94
CA ASN A 319 5.39 -9.11 -18.47
C ASN A 319 5.17 -10.49 -19.13
N CYS A 320 6.23 -11.08 -19.71
CA CYS A 320 6.13 -12.44 -20.27
C CYS A 320 6.02 -13.46 -19.15
N THR A 321 6.85 -13.34 -18.11
CA THR A 321 6.64 -14.14 -16.90
C THR A 321 5.21 -14.05 -16.34
N TYR A 322 4.61 -12.88 -16.40
CA TYR A 322 3.27 -12.75 -15.89
C TYR A 322 2.34 -13.50 -16.82
N LEU A 323 2.51 -13.37 -18.12
CA LEU A 323 1.70 -14.15 -19.06
C LEU A 323 1.92 -15.70 -18.89
N HIS A 324 3.18 -16.08 -18.70
CA HIS A 324 3.50 -17.45 -18.35
C HIS A 324 2.68 -17.95 -17.21
N LEU A 325 2.69 -17.21 -16.10
CA LEU A 325 2.02 -17.65 -14.89
C LEU A 325 0.51 -17.75 -15.14
N THR A 326 -0.04 -16.87 -16.00
CA THR A 326 -1.47 -16.94 -16.28
C THR A 326 -1.80 -18.31 -16.91
N ARG A 327 -0.90 -18.72 -17.78
CA ARG A 327 -0.97 -19.91 -18.55
C ARG A 327 -0.87 -21.15 -17.70
N LEU A 328 -0.08 -21.07 -16.62
CA LEU A 328 -0.01 -22.11 -15.59
C LEU A 328 -1.23 -22.15 -14.68
N GLY A 329 -2.21 -21.25 -14.91
CA GLY A 329 -3.49 -21.28 -14.17
C GLY A 329 -3.60 -20.46 -12.87
N LEU A 330 -2.55 -19.68 -12.53
CA LEU A 330 -2.58 -18.63 -11.47
C LEU A 330 -3.56 -17.51 -11.78
N THR A 331 -4.48 -17.13 -10.87
CA THR A 331 -5.40 -15.96 -11.14
C THR A 331 -4.63 -14.64 -11.08
N PRO A 332 -5.20 -13.57 -11.65
CA PRO A 332 -4.54 -12.25 -11.42
C PRO A 332 -4.38 -11.93 -9.90
N HIS A 333 -5.45 -12.09 -9.12
CA HIS A 333 -5.33 -11.96 -7.67
C HIS A 333 -4.08 -12.65 -7.08
N GLN A 334 -3.88 -13.91 -7.43
CA GLN A 334 -2.80 -14.69 -6.84
C GLN A 334 -1.46 -14.21 -7.35
N ARG A 335 -1.42 -13.64 -8.54
CA ARG A 335 -0.12 -13.19 -9.07
C ARG A 335 0.34 -11.92 -8.36
N PHE A 336 -0.60 -10.97 -8.22
CA PHE A 336 -0.40 -9.71 -7.48
C PHE A 336 0.03 -10.00 -6.04
N LEU A 337 -0.69 -10.86 -5.34
CA LEU A 337 -0.23 -11.37 -4.05
C LEU A 337 1.17 -11.91 -4.04
N VAL A 338 1.59 -12.51 -5.13
CA VAL A 338 2.93 -13.07 -5.17
C VAL A 338 3.96 -11.95 -5.35
N CYS A 339 3.70 -11.06 -6.30
CA CYS A 339 4.52 -9.87 -6.42
C CYS A 339 4.66 -9.13 -5.05
N HIS A 340 3.56 -9.00 -4.32
CA HIS A 340 3.58 -8.29 -3.09
C HIS A 340 4.44 -9.04 -2.04
N LEU A 341 4.22 -10.34 -1.86
CA LEU A 341 5.09 -11.11 -0.95
C LEU A 341 6.55 -11.12 -1.38
N ALA A 342 6.81 -11.05 -2.69
CA ALA A 342 8.23 -11.05 -3.12
C ALA A 342 8.85 -9.78 -2.60
N ALA A 343 8.16 -8.67 -2.85
CA ALA A 343 8.59 -7.35 -2.39
C ALA A 343 8.81 -7.27 -0.87
N ASP A 344 7.90 -7.87 -0.11
CA ASP A 344 8.03 -7.80 1.34
C ASP A 344 9.25 -8.57 1.81
N ALA A 345 9.41 -9.77 1.27
CA ALA A 345 10.57 -10.61 1.49
C ALA A 345 11.86 -9.87 1.14
N ALA A 346 11.85 -9.18 -0.01
CA ALA A 346 13.03 -8.43 -0.47
C ALA A 346 13.36 -7.23 0.44
N ALA A 347 12.36 -6.67 1.14
CA ALA A 347 12.62 -5.64 2.13
C ALA A 347 13.49 -6.23 3.23
N ASP A 348 13.02 -7.31 3.85
CA ASP A 348 13.71 -7.94 4.95
C ASP A 348 15.13 -8.48 4.61
N VAL A 349 15.53 -8.61 3.33
CA VAL A 349 16.90 -9.08 3.06
C VAL A 349 17.73 -7.98 2.41
N TYR A 350 17.27 -7.38 1.33
CA TYR A 350 18.05 -6.32 0.67
C TYR A 350 17.83 -4.90 1.28
N GLY A 351 16.87 -4.78 2.21
CA GLY A 351 16.49 -3.49 2.76
C GLY A 351 17.17 -3.11 4.06
N ILE A 352 17.89 -4.04 4.69
CA ILE A 352 18.66 -3.71 5.92
C ILE A 352 20.03 -3.11 5.47
N ALA A 353 19.97 -2.07 4.63
CA ALA A 353 21.12 -1.56 3.84
C ALA A 353 21.76 -0.33 4.50
N GLU B 8 -17.02 33.82 29.74
CA GLU B 8 -18.24 34.22 29.00
C GLU B 8 -18.11 34.10 27.47
N ARG B 9 -16.96 34.52 26.90
CA ARG B 9 -16.64 34.36 25.46
C ARG B 9 -15.24 33.79 25.26
N TRP B 10 -14.96 33.27 24.07
CA TRP B 10 -13.62 32.83 23.66
C TRP B 10 -12.89 33.98 23.01
N TRP B 11 -11.67 34.18 23.47
CA TRP B 11 -10.89 35.29 23.04
C TRP B 11 -9.63 34.79 22.37
N ARG B 12 -9.27 35.43 21.26
CA ARG B 12 -8.25 34.89 20.39
C ARG B 12 -7.10 35.84 20.25
N PHE B 13 -5.89 35.37 20.59
CA PHE B 13 -4.58 36.04 20.27
C PHE B 13 -3.62 35.28 19.35
N ARG B 14 -2.86 36.02 18.57
CA ARG B 14 -1.83 35.45 17.66
C ARG B 14 -0.41 35.89 18.09
N VAL B 15 0.49 34.91 18.21
CA VAL B 15 1.86 35.14 18.63
C VAL B 15 2.78 34.73 17.50
N ASP B 16 3.23 35.67 16.66
CA ASP B 16 4.16 35.37 15.56
C ASP B 16 5.57 35.04 16.05
N TYR B 17 6.01 33.83 15.74
CA TYR B 17 7.37 33.32 16.03
C TYR B 17 7.87 32.45 14.86
N HIS B 18 8.42 33.07 13.84
CA HIS B 18 8.54 32.42 12.54
C HIS B 18 9.57 31.33 12.50
N ALA B 19 10.75 31.63 13.04
CA ALA B 19 11.90 30.75 12.94
C ALA B 19 12.43 30.17 14.24
N GLY B 20 12.12 30.80 15.37
CA GLY B 20 12.68 30.37 16.68
C GLY B 20 12.02 29.12 17.22
N PRO B 21 12.51 28.56 18.34
CA PRO B 21 11.96 27.26 18.75
C PRO B 21 10.58 27.28 19.44
N MET B 22 9.55 26.93 18.71
CA MET B 22 8.20 26.97 19.23
C MET B 22 7.95 26.14 20.52
N ASP B 23 8.80 25.14 20.84
CA ASP B 23 8.57 24.34 22.09
C ASP B 23 9.08 25.16 23.28
N ASP B 24 10.06 26.04 23.00
CA ASP B 24 10.59 26.96 23.97
C ASP B 24 9.62 28.12 24.21
N LEU B 25 8.96 28.62 23.17
CA LEU B 25 7.84 29.60 23.33
C LEU B 25 6.71 29.01 24.11
N ILE B 26 6.47 27.73 23.97
CA ILE B 26 5.37 27.11 24.67
C ILE B 26 5.73 26.96 26.15
N LEU B 27 6.97 26.54 26.44
CA LEU B 27 7.32 26.06 27.81
C LEU B 27 7.81 27.19 28.71
N ASP B 28 8.54 28.11 28.11
CA ASP B 28 9.09 29.27 28.77
C ASP B 28 8.26 30.55 28.62
N GLY B 29 7.34 30.59 27.65
CA GLY B 29 6.52 31.80 27.38
C GLY B 29 5.06 31.70 27.76
N VAL B 30 4.39 30.72 27.20
CA VAL B 30 2.95 30.56 27.27
C VAL B 30 2.53 29.82 28.52
N ARG B 31 3.36 28.89 28.96
CA ARG B 31 3.04 28.13 30.16
C ARG B 31 2.98 29.08 31.34
N PRO B 32 4.03 29.91 31.52
CA PRO B 32 3.99 30.83 32.66
C PRO B 32 2.85 31.86 32.52
N ALA B 33 2.68 32.41 31.35
CA ALA B 33 1.51 33.25 31.13
C ALA B 33 0.16 32.58 31.48
N PHE B 34 0.02 31.30 31.21
CA PHE B 34 -1.29 30.65 31.47
C PHE B 34 -1.49 30.55 32.95
N ALA B 35 -0.45 30.10 33.65
CA ALA B 35 -0.36 30.08 35.15
C ALA B 35 -0.72 31.45 35.82
N ALA B 36 -0.05 32.50 35.34
CA ALA B 36 -0.33 33.85 35.75
C ALA B 36 -1.78 34.23 35.67
N PHE B 37 -2.56 33.59 34.81
CA PHE B 37 -3.98 33.91 34.84
C PHE B 37 -4.96 32.76 35.17
N ALA B 38 -4.46 31.67 35.76
CA ALA B 38 -5.29 30.46 35.99
C ALA B 38 -6.45 30.77 36.91
N ALA B 39 -6.16 31.56 37.94
CA ALA B 39 -7.13 31.91 38.98
C ALA B 39 -8.43 32.54 38.42
N GLN B 40 -8.33 33.45 37.46
CA GLN B 40 -9.49 34.13 36.83
C GLN B 40 -10.03 33.43 35.56
N ALA B 41 -9.18 32.69 34.86
CA ALA B 41 -9.52 32.07 33.56
C ALA B 41 -8.70 30.80 33.34
N PRO B 42 -9.17 29.66 33.90
CA PRO B 42 -8.38 28.44 33.69
C PRO B 42 -8.66 27.77 32.34
N MET B 43 -9.71 28.19 31.61
CA MET B 43 -10.06 27.56 30.32
C MET B 43 -9.29 28.30 29.25
N ALA B 44 -8.12 27.74 28.96
CA ALA B 44 -7.20 28.31 28.03
C ALA B 44 -6.45 27.20 27.32
N TYR B 45 -6.20 27.41 26.03
CA TYR B 45 -5.42 26.49 25.21
C TYR B 45 -4.73 27.26 24.06
N PHE B 46 -3.77 26.59 23.41
CA PHE B 46 -3.11 27.08 22.21
C PHE B 46 -3.07 26.03 21.06
N LEU B 47 -2.99 26.51 19.81
CA LEU B 47 -2.68 25.68 18.66
C LEU B 47 -1.54 26.21 17.80
N ARG B 48 -0.81 25.30 17.14
CA ARG B 48 0.23 25.73 16.13
C ARG B 48 -0.41 26.06 14.83
N HIS B 49 0.23 26.87 14.00
CA HIS B 49 -0.31 27.15 12.68
C HIS B 49 0.76 27.91 11.92
N TRP B 50 0.55 28.01 10.61
CA TRP B 50 1.51 28.44 9.60
C TRP B 50 1.09 29.74 8.85
N ARG B 51 -0.19 30.11 8.87
CA ARG B 51 -0.69 31.14 7.97
C ARG B 51 -0.10 32.50 8.22
N ARG B 52 0.25 33.19 7.16
CA ARG B 52 0.94 34.47 7.19
C ARG B 52 2.16 34.47 8.11
N GLY B 53 2.72 33.29 8.35
CA GLY B 53 3.90 33.13 9.18
C GLY B 53 3.63 32.09 10.26
N PRO B 54 4.67 31.33 10.68
CA PRO B 54 4.37 30.39 11.78
C PRO B 54 4.12 31.19 13.04
N HIS B 55 3.09 30.75 13.76
CA HIS B 55 2.58 31.43 14.89
C HIS B 55 1.83 30.49 15.80
N LEU B 56 1.71 30.84 17.10
CA LEU B 56 0.69 30.21 17.97
C LEU B 56 -0.63 30.98 17.94
N ARG B 57 -1.72 30.27 18.16
CA ARG B 57 -3.06 30.83 18.30
C ARG B 57 -3.42 30.48 19.75
N ILE B 58 -3.65 31.53 20.55
CA ILE B 58 -4.01 31.41 21.96
C ILE B 58 -5.51 31.64 22.08
N TYR B 59 -6.21 30.68 22.69
CA TYR B 59 -7.66 30.73 22.92
C TYR B 59 -7.87 30.78 24.45
N VAL B 60 -8.61 31.78 24.92
CA VAL B 60 -8.95 31.85 26.37
C VAL B 60 -10.37 32.39 26.55
N SER B 61 -11.12 31.74 27.46
CA SER B 61 -12.52 32.16 27.81
C SER B 61 -12.66 32.94 29.15
N THR B 62 -12.99 34.24 29.02
CA THR B 62 -13.41 35.10 30.12
C THR B 62 -14.29 36.19 29.58
N THR B 63 -14.63 37.13 30.46
CA THR B 63 -15.44 38.29 30.14
C THR B 63 -14.55 39.38 29.61
N ARG B 64 -15.07 40.34 28.85
CA ARG B 64 -14.22 41.51 28.49
C ARG B 64 -13.54 42.14 29.71
N GLU B 65 -14.26 42.21 30.83
CA GLU B 65 -13.75 42.80 32.07
C GLU B 65 -12.42 42.13 32.44
N ALA B 66 -12.45 40.79 32.57
CA ALA B 66 -11.26 39.96 32.89
C ALA B 66 -10.18 39.87 31.80
N LEU B 67 -10.59 39.88 30.52
CA LEU B 67 -9.64 39.95 29.45
C LEU B 67 -8.75 41.15 29.66
N GLU B 68 -9.34 42.36 29.76
CA GLU B 68 -8.53 43.60 29.88
C GLU B 68 -7.80 43.71 31.22
N ALA B 69 -8.42 43.24 32.28
CA ALA B 69 -7.79 43.26 33.59
C ALA B 69 -6.58 42.34 33.63
N VAL B 70 -6.81 41.05 33.52
CA VAL B 70 -5.78 40.11 33.91
C VAL B 70 -5.10 39.38 32.75
N VAL B 71 -5.85 38.84 31.76
CA VAL B 71 -5.24 37.90 30.76
C VAL B 71 -4.40 38.61 29.72
N ARG B 72 -4.93 39.65 29.07
CA ARG B 72 -4.18 40.39 28.04
C ARG B 72 -2.81 40.86 28.59
N PRO B 73 -2.76 41.36 29.83
CA PRO B 73 -1.45 41.79 30.27
C PRO B 73 -0.50 40.65 30.63
N ALA B 74 -1.05 39.54 31.14
CA ALA B 74 -0.19 38.43 31.50
C ALA B 74 0.46 37.92 30.21
N ILE B 75 -0.33 37.86 29.13
CA ILE B 75 0.22 37.53 27.83
C ILE B 75 1.23 38.59 27.43
N GLU B 76 0.80 39.83 27.28
CA GLU B 76 1.69 40.86 26.74
C GLU B 76 3.02 40.91 27.48
N HIS B 77 2.98 40.65 28.79
CA HIS B 77 4.16 40.86 29.60
C HIS B 77 4.98 39.62 29.64
N VAL B 78 4.36 38.47 30.00
CA VAL B 78 5.12 37.22 30.18
C VAL B 78 5.67 36.70 28.85
N VAL B 79 4.78 36.64 27.85
CA VAL B 79 5.07 36.10 26.53
C VAL B 79 5.94 37.09 25.79
N GLY B 80 5.59 38.38 25.83
CA GLY B 80 6.51 39.46 25.33
C GLY B 80 7.92 39.37 25.94
N GLY B 81 8.00 38.79 27.15
CA GLY B 81 9.24 38.62 27.88
C GLY B 81 10.10 37.70 27.11
N TYR B 82 9.59 36.49 26.95
CA TYR B 82 10.18 35.48 26.06
C TYR B 82 10.59 36.06 24.66
N LEU B 83 9.65 36.65 23.90
CA LEU B 83 10.03 37.18 22.60
C LEU B 83 11.31 38.04 22.64
N ARG B 84 11.46 38.87 23.67
CA ARG B 84 12.60 39.80 23.69
C ARG B 84 13.88 39.11 24.19
N ALA B 85 13.76 38.16 25.11
CA ALA B 85 14.90 37.32 25.49
C ALA B 85 15.40 36.49 24.33
N ARG B 86 14.47 35.88 23.58
CA ARG B 86 14.78 34.82 22.63
C ARG B 86 14.05 35.02 21.31
N PRO B 87 14.31 36.15 20.62
CA PRO B 87 13.60 36.45 19.38
C PRO B 87 13.83 35.42 18.30
N SER B 88 12.80 35.19 17.49
CA SER B 88 12.95 34.45 16.27
C SER B 88 13.83 35.30 15.34
N PRO B 89 14.71 34.65 14.56
CA PRO B 89 15.51 35.40 13.59
C PRO B 89 14.81 35.81 12.31
N GLY B 90 13.58 35.35 12.07
CA GLY B 90 12.92 35.50 10.78
C GLY B 90 13.30 34.39 9.81
N MET B 91 12.59 34.35 8.70
CA MET B 91 12.93 33.62 7.50
C MET B 91 13.45 34.62 6.45
N ALA B 92 14.30 34.16 5.55
CA ALA B 92 14.83 35.05 4.48
C ALA B 92 13.74 35.34 3.43
N ASP B 93 13.25 34.31 2.77
CA ASP B 93 12.24 34.42 1.72
C ASP B 93 10.94 33.74 2.18
N PRO B 94 9.98 34.53 2.67
CA PRO B 94 8.63 34.03 2.91
C PRO B 94 7.99 33.40 1.68
N SER B 95 8.32 33.88 0.47
CA SER B 95 7.83 33.22 -0.79
C SER B 95 8.24 31.77 -0.94
N ALA B 96 9.38 31.40 -0.36
CA ALA B 96 9.83 30.02 -0.35
C ALA B 96 8.77 29.11 0.19
N PHE B 97 7.87 29.62 1.04
CA PHE B 97 6.90 28.76 1.69
C PHE B 97 5.59 28.71 0.95
N LEU B 98 5.52 29.42 -0.20
CA LEU B 98 4.27 29.53 -0.96
C LEU B 98 3.78 28.24 -1.60
N PRO B 99 4.73 27.39 -2.15
CA PRO B 99 4.38 26.00 -2.45
C PRO B 99 3.58 25.35 -1.32
N LEU B 100 4.20 25.26 -0.15
CA LEU B 100 3.58 24.54 0.95
C LEU B 100 2.29 25.19 1.47
N HIS B 101 2.23 26.52 1.57
CA HIS B 101 1.01 27.17 2.12
C HIS B 101 -0.22 27.12 1.18
N GLU B 102 -0.01 27.47 -0.10
CA GLU B 102 -0.97 27.13 -1.17
C GLU B 102 -1.59 25.73 -0.94
N ARG B 103 -0.75 24.69 -0.86
CA ARG B 103 -1.27 23.33 -0.68
C ARG B 103 -1.97 23.21 0.67
N LEU B 104 -1.36 23.76 1.71
CA LEU B 104 -1.93 23.65 3.07
C LEU B 104 -3.29 24.33 3.21
N ALA B 105 -3.47 25.45 2.50
CA ALA B 105 -4.77 26.16 2.43
C ALA B 105 -5.88 25.26 1.89
N GLU B 106 -5.70 24.74 0.67
CA GLU B 106 -6.63 23.74 0.10
C GLU B 106 -7.13 22.70 1.12
N LEU B 107 -6.21 22.02 1.79
CA LEU B 107 -6.59 20.92 2.68
C LEU B 107 -7.50 21.27 3.86
N GLU B 108 -7.51 22.53 4.29
CA GLU B 108 -8.48 23.01 5.30
C GLU B 108 -9.55 23.97 4.74
N GLY B 109 -9.28 24.59 3.59
CA GLY B 109 -10.23 25.44 2.89
C GLY B 109 -10.22 26.89 3.36
N GLU B 110 -9.04 27.37 3.77
CA GLU B 110 -8.89 28.65 4.48
C GLU B 110 -9.63 29.82 3.80
N ASP B 111 -9.12 30.25 2.63
CA ASP B 111 -9.57 31.46 1.84
C ASP B 111 -8.79 32.75 2.09
N GLY B 112 -8.55 33.13 3.35
CA GLY B 112 -7.80 34.36 3.68
C GLY B 112 -6.40 34.39 3.06
N PRO B 113 -5.80 35.58 2.90
CA PRO B 113 -4.58 35.60 2.08
C PRO B 113 -3.41 34.93 2.79
N LEU B 114 -2.33 34.76 2.05
CA LEU B 114 -1.15 34.10 2.56
C LEU B 114 0.01 35.04 2.69
N MET B 115 -0.01 36.14 1.95
CA MET B 115 1.06 37.12 1.96
C MET B 115 0.47 38.52 2.17
N PRO B 116 1.27 39.50 2.64
CA PRO B 116 2.54 39.29 3.32
C PRO B 116 2.32 38.68 4.68
N TRP B 117 3.43 38.31 5.28
CA TRP B 117 3.41 37.64 6.54
C TRP B 117 3.25 38.73 7.60
N SER B 118 2.46 38.40 8.62
CA SER B 118 2.36 39.17 9.84
C SER B 118 3.76 39.39 10.40
N PRO B 119 4.04 40.57 10.98
CA PRO B 119 5.42 40.86 11.49
C PRO B 119 5.86 39.91 12.60
N ASP B 120 7.15 39.57 12.63
CA ASP B 120 7.64 38.47 13.48
C ASP B 120 7.79 38.96 14.91
N ASN B 121 7.77 38.06 15.90
CA ASN B 121 8.05 38.40 17.31
C ASN B 121 7.09 39.52 17.78
N THR B 122 5.81 39.23 17.79
CA THR B 122 4.76 40.25 17.90
C THR B 122 3.51 39.56 18.41
N ILE B 123 2.79 40.23 19.31
CA ILE B 123 1.52 39.72 19.87
C ILE B 123 0.41 40.54 19.29
N HIS B 124 -0.74 39.92 19.00
CA HIS B 124 -1.80 40.55 18.17
C HIS B 124 -3.10 40.10 18.74
N ALA B 125 -3.92 41.05 19.19
CA ALA B 125 -5.28 40.76 19.65
C ALA B 125 -6.11 40.49 18.42
N GLU B 126 -6.97 39.46 18.47
CA GLU B 126 -7.81 39.08 17.30
C GLU B 126 -9.34 39.01 17.64
N GLY B 127 -9.79 39.73 18.67
CA GLY B 127 -11.17 39.71 19.08
C GLY B 127 -11.67 38.36 19.58
N GLU B 128 -12.99 38.18 19.48
CA GLU B 128 -13.69 37.01 20.02
C GLU B 128 -14.41 36.24 18.92
N ARG B 129 -14.73 34.97 19.19
CA ARG B 129 -15.01 33.91 18.17
C ARG B 129 -16.43 33.83 17.55
N PRO B 130 -16.65 34.39 16.34
CA PRO B 130 -17.95 34.27 15.66
C PRO B 130 -18.44 32.80 15.48
N GLU B 131 -19.61 32.39 15.98
CA GLU B 131 -20.57 33.21 16.72
C GLU B 131 -21.16 32.38 17.89
N PRO B 132 -22.13 31.46 17.61
CA PRO B 132 -22.24 30.35 18.53
C PRO B 132 -21.31 29.24 18.02
N LEU B 133 -20.80 28.45 18.95
CA LEU B 133 -19.96 27.32 18.64
C LEU B 133 -20.82 26.04 18.67
N THR B 134 -20.77 25.24 17.61
CA THR B 134 -21.50 23.97 17.57
C THR B 134 -21.03 23.02 18.66
N VAL B 135 -21.77 21.95 18.88
CA VAL B 135 -21.48 21.06 20.00
C VAL B 135 -20.16 20.32 19.84
N ARG B 136 -19.79 20.04 18.59
CA ARG B 136 -18.48 19.44 18.27
C ARG B 136 -17.37 20.41 18.75
N ASP B 137 -17.46 21.67 18.29
CA ASP B 137 -16.54 22.76 18.65
C ASP B 137 -16.24 22.85 20.17
N VAL B 138 -17.31 22.79 20.98
CA VAL B 138 -17.20 22.81 22.45
C VAL B 138 -16.45 21.60 22.96
N LEU B 139 -16.81 20.43 22.47
CA LEU B 139 -16.19 19.18 22.91
C LEU B 139 -14.68 19.22 22.67
N LEU B 140 -14.31 19.81 21.53
CA LEU B 140 -12.93 19.91 21.08
C LEU B 140 -12.13 20.87 21.96
N ALA B 141 -12.62 22.12 22.09
CA ALA B 141 -12.06 23.11 23.06
C ALA B 141 -11.82 22.51 24.47
N ASP B 142 -12.80 21.77 24.99
CA ASP B 142 -12.64 21.07 26.27
C ASP B 142 -11.54 20.05 26.20
N PHE B 143 -11.48 19.30 25.10
CA PHE B 143 -10.39 18.32 24.89
C PHE B 143 -9.00 19.02 24.93
N TYR B 144 -8.82 20.05 24.09
CA TYR B 144 -7.53 20.81 24.06
C TYR B 144 -7.17 21.38 25.44
N ALA B 145 -8.10 22.10 26.05
CA ALA B 145 -8.00 22.54 27.46
C ALA B 145 -7.58 21.39 28.39
N ASP B 146 -8.38 20.33 28.41
CA ASP B 146 -8.13 19.22 29.31
C ASP B 146 -6.73 18.64 29.11
N THR B 147 -6.17 18.77 27.89
CA THR B 147 -4.88 18.15 27.51
C THR B 147 -3.63 19.05 27.46
N THR B 148 -3.77 20.31 27.86
CA THR B 148 -2.64 21.24 27.86
C THR B 148 -1.43 20.79 28.76
N PRO B 149 -1.70 20.23 29.93
CA PRO B 149 -0.56 19.71 30.68
C PRO B 149 0.22 18.67 29.93
N SER B 150 -0.49 17.72 29.32
CA SER B 150 0.14 16.63 28.51
C SER B 150 1.01 17.25 27.43
N VAL B 151 0.47 18.27 26.73
CA VAL B 151 1.37 19.03 25.83
C VAL B 151 2.69 19.36 26.53
N TYR B 152 2.63 19.96 27.74
CA TYR B 152 3.88 20.42 28.35
C TYR B 152 4.66 19.18 28.81
N HIS B 153 3.98 18.21 29.45
CA HIS B 153 4.68 17.00 29.94
C HIS B 153 5.53 16.46 28.77
N ALA B 154 4.90 16.18 27.62
CA ALA B 154 5.64 15.67 26.44
C ALA B 154 6.81 16.55 25.97
N LEU B 155 6.57 17.85 25.81
CA LEU B 155 7.61 18.77 25.32
C LEU B 155 8.82 18.88 26.23
N GLU B 156 8.61 18.65 27.53
CA GLU B 156 9.71 18.55 28.48
C GLU B 156 10.59 17.36 28.08
N ARG B 157 9.97 16.18 27.98
CA ARG B 157 10.67 14.94 27.55
C ARG B 157 11.41 15.12 26.22
N VAL B 158 10.77 15.78 25.25
CA VAL B 158 11.52 16.22 24.03
C VAL B 158 12.75 17.10 24.33
N ARG B 159 12.66 17.99 25.34
CA ARG B 159 13.83 18.81 25.71
C ARG B 159 14.97 18.04 26.41
N SER B 160 14.64 17.12 27.32
CA SER B 160 15.58 16.08 27.78
C SER B 160 16.34 15.40 26.60
N GLY B 161 15.65 15.19 25.48
CA GLY B 161 16.21 14.58 24.26
C GLY B 161 15.59 13.22 23.91
N ALA B 162 14.44 12.86 24.50
CA ALA B 162 13.47 11.88 23.95
C ALA B 162 13.02 12.31 22.54
N SER B 163 12.56 11.33 21.74
CA SER B 163 12.19 11.56 20.32
C SER B 163 10.68 11.70 20.19
N LEU B 164 10.30 12.67 19.37
CA LEU B 164 8.91 12.99 19.17
C LEU B 164 8.18 11.80 18.52
N PRO B 165 8.74 11.24 17.39
CA PRO B 165 8.13 10.04 16.75
C PRO B 165 7.80 8.96 17.73
N THR B 166 8.79 8.51 18.53
CA THR B 166 8.47 7.53 19.59
C THR B 166 7.30 7.96 20.46
N ILE B 167 7.24 9.22 20.90
CA ILE B 167 6.16 9.70 21.80
C ILE B 167 4.84 9.55 21.07
N ALA B 168 4.81 10.04 19.84
CA ALA B 168 3.65 9.82 18.94
C ALA B 168 3.26 8.33 18.77
N PHE B 169 4.28 7.47 18.62
CA PHE B 169 4.04 6.03 18.53
C PHE B 169 3.17 5.58 19.69
N ASP B 170 3.58 6.00 20.90
CA ASP B 170 3.00 5.51 22.16
C ASP B 170 1.58 6.00 22.29
N LEU B 171 1.37 7.25 21.96
CA LEU B 171 0.05 7.82 22.13
C LEU B 171 -0.93 7.19 21.16
N VAL B 172 -0.47 7.02 19.93
CA VAL B 172 -1.31 6.45 18.87
C VAL B 172 -1.73 5.00 19.14
N VAL B 173 -0.75 4.15 19.48
CA VAL B 173 -1.03 2.75 19.81
C VAL B 173 -2.04 2.65 20.96
N ALA B 174 -1.63 3.24 22.09
CA ALA B 174 -2.37 3.25 23.35
C ALA B 174 -3.81 3.73 23.16
N THR B 175 -3.99 4.85 22.45
CA THR B 175 -5.36 5.31 22.18
C THR B 175 -6.14 4.14 21.58
N ALA B 176 -5.55 3.50 20.56
CA ALA B 176 -6.21 2.45 19.75
C ALA B 176 -6.50 1.17 20.52
N HIS B 177 -5.54 0.73 21.34
CA HIS B 177 -5.75 -0.45 22.21
C HIS B 177 -6.93 -0.26 23.17
N ALA B 178 -6.84 0.79 23.98
CA ALA B 178 -7.73 0.97 25.12
C ALA B 178 -9.14 1.51 24.79
N LEU B 179 -9.31 2.31 23.74
CA LEU B 179 -10.58 3.03 23.53
C LEU B 179 -11.43 2.66 22.30
N SER B 180 -11.34 1.43 21.79
CA SER B 180 -11.82 1.11 20.42
C SER B 180 -13.23 0.47 20.17
N THR B 181 -13.49 -0.70 20.73
CA THR B 181 -14.60 -1.56 20.25
C THR B 181 -13.95 -2.89 20.50
N GLY B 182 -13.13 -3.38 19.55
CA GLY B 182 -12.23 -4.54 19.77
C GLY B 182 -11.06 -4.18 20.68
N GLY B 183 -9.83 -4.23 20.20
CA GLY B 183 -8.79 -3.54 20.96
C GLY B 183 -7.38 -3.58 20.43
N LEU B 184 -7.16 -3.02 19.25
CA LEU B 184 -5.86 -3.07 18.52
C LEU B 184 -5.88 -4.15 17.43
N PRO B 185 -6.01 -5.45 17.78
CA PRO B 185 -6.18 -6.39 16.68
C PRO B 185 -7.35 -6.07 15.74
N VAL B 186 -8.35 -5.33 16.19
CA VAL B 186 -9.40 -4.77 15.29
C VAL B 186 -9.08 -3.33 14.87
N ALA B 187 -8.36 -2.56 15.70
CA ALA B 187 -8.14 -1.13 15.41
C ALA B 187 -6.92 -0.86 14.49
N ARG B 188 -5.97 -1.80 14.44
CA ARG B 188 -4.82 -1.68 13.52
C ARG B 188 -5.17 -1.42 12.04
N THR B 189 -6.41 -1.73 11.64
CA THR B 189 -6.87 -1.46 10.26
C THR B 189 -7.12 0.03 10.02
N SER B 190 -7.82 0.69 10.95
CA SER B 190 -8.05 2.16 10.84
C SER B 190 -6.72 2.96 10.85
N LEU B 191 -5.74 2.49 11.65
CA LEU B 191 -4.39 2.99 11.57
C LEU B 191 -3.83 2.89 10.16
N ARG B 192 -3.74 1.68 9.60
CA ARG B 192 -3.33 1.49 8.18
C ARG B 192 -4.12 2.37 7.24
N SER B 193 -5.43 2.41 7.47
CA SER B 193 -6.26 3.22 6.65
C SER B 193 -5.89 4.73 6.62
N HIS B 194 -5.46 5.28 7.77
CA HIS B 194 -5.09 6.70 7.85
C HIS B 194 -3.87 6.92 6.96
N ALA B 195 -2.83 6.10 7.14
CA ALA B 195 -1.63 6.17 6.28
C ALA B 195 -1.90 6.00 4.80
N GLU B 196 -2.68 4.96 4.49
CA GLU B 196 -3.04 4.68 3.11
C GLU B 196 -3.70 5.84 2.45
N ALA B 197 -4.47 6.57 3.25
CA ALA B 197 -5.12 7.77 2.72
C ALA B 197 -4.08 8.79 2.29
N TYR B 198 -2.97 8.83 3.01
CA TYR B 198 -1.84 9.68 2.64
C TYR B 198 -1.07 9.12 1.47
N LEU B 199 -0.66 7.85 1.56
CA LEU B 199 0.14 7.28 0.47
C LEU B 199 -0.62 7.37 -0.85
N ALA B 200 -1.93 7.15 -0.82
CA ALA B 200 -2.73 7.33 -2.05
C ALA B 200 -2.61 8.71 -2.76
N ARG B 201 -2.59 9.84 -2.05
CA ARG B 201 -2.45 11.11 -2.80
C ARG B 201 -1.01 11.44 -3.16
N ARG B 202 -0.01 10.71 -2.66
CA ARG B 202 1.40 10.93 -3.08
C ARG B 202 1.73 10.36 -4.48
N SER B 203 2.13 11.24 -5.40
CA SER B 203 2.77 10.84 -6.67
C SER B 203 3.91 9.80 -6.55
N ASP B 204 4.68 9.78 -5.47
CA ASP B 204 5.77 8.80 -5.30
C ASP B 204 5.49 7.73 -4.26
N GLY B 205 4.20 7.40 -4.10
CA GLY B 205 3.74 6.58 -2.99
C GLY B 205 4.26 5.17 -2.95
N VAL B 206 4.62 4.63 -4.14
CA VAL B 206 5.17 3.28 -4.25
C VAL B 206 6.55 3.27 -3.59
N ARG B 207 7.48 4.05 -4.16
CA ARG B 207 8.74 4.50 -3.51
C ARG B 207 8.63 4.71 -1.99
N LEU B 208 7.67 5.53 -1.58
CA LEU B 208 7.51 5.83 -0.16
C LEU B 208 7.17 4.58 0.61
N ARG B 209 6.22 3.81 0.11
CA ARG B 209 5.85 2.56 0.79
C ARG B 209 7.06 1.65 1.01
N GLU B 210 7.96 1.59 0.04
CA GLU B 210 9.09 0.74 0.18
C GLU B 210 10.09 1.31 1.23
N LEU B 211 10.38 2.63 1.18
CA LEU B 211 11.20 3.27 2.27
C LEU B 211 10.68 3.00 3.66
N TRP B 212 9.38 3.07 3.85
CA TRP B 212 8.80 2.85 5.16
C TRP B 212 8.80 1.38 5.59
N ARG B 213 8.98 0.46 4.65
CA ARG B 213 8.96 -0.93 5.06
C ARG B 213 10.36 -1.43 5.27
N ASP B 214 11.31 -0.92 4.46
CA ASP B 214 12.73 -1.06 4.73
C ASP B 214 12.92 -0.62 6.17
N HIS B 215 12.46 0.60 6.49
CA HIS B 215 12.62 1.19 7.82
C HIS B 215 12.01 0.30 8.88
N TYR B 216 10.77 -0.12 8.67
CA TYR B 216 10.16 -1.05 9.66
C TYR B 216 10.99 -2.31 9.86
N ALA B 217 11.42 -2.90 8.74
CA ALA B 217 12.15 -4.15 8.76
C ALA B 217 13.51 -4.01 9.51
N ARG B 218 14.31 -2.98 9.18
CA ARG B 218 15.52 -2.63 9.99
C ARG B 218 15.26 -2.62 11.48
N ASN B 219 14.08 -2.20 11.95
CA ASN B 219 13.89 -1.99 13.40
C ASN B 219 12.75 -2.86 13.91
N ARG B 220 12.55 -4.02 13.29
CA ARG B 220 11.35 -4.82 13.59
C ARG B 220 11.27 -5.06 15.10
N GLU B 221 12.39 -5.43 15.72
CA GLU B 221 12.39 -5.87 17.12
C GLU B 221 11.89 -4.69 17.98
N ALA B 222 12.66 -3.61 17.95
CA ALA B 222 12.29 -2.36 18.58
C ALA B 222 10.79 -2.09 18.56
N PHE B 223 10.22 -1.94 17.37
CA PHE B 223 8.79 -1.59 17.20
C PHE B 223 7.85 -2.66 17.74
N THR B 224 8.27 -3.92 17.68
CA THR B 224 7.42 -4.99 18.20
C THR B 224 7.47 -4.96 19.72
N GLU B 225 8.67 -4.69 20.28
CA GLU B 225 8.83 -4.52 21.74
C GLU B 225 7.91 -3.40 22.18
N ARG B 226 8.17 -2.20 21.66
CA ARG B 226 7.49 -1.06 22.16
C ARG B 226 5.99 -1.22 22.01
N LEU B 227 5.52 -1.83 20.93
CA LEU B 227 4.08 -2.02 20.82
C LEU B 227 3.52 -2.92 21.92
N ILE B 228 4.24 -3.99 22.28
CA ILE B 228 3.77 -4.87 23.38
C ILE B 228 3.82 -4.11 24.71
N ALA B 229 4.92 -3.41 24.98
CA ALA B 229 5.07 -2.55 26.19
C ALA B 229 3.87 -1.63 26.38
N VAL B 230 3.54 -0.88 25.32
CA VAL B 230 2.44 0.08 25.33
C VAL B 230 1.04 -0.56 25.39
N ALA B 231 0.88 -1.79 24.90
CA ALA B 231 -0.42 -2.48 25.00
C ALA B 231 -0.64 -2.95 26.44
N SER B 232 0.37 -3.62 26.97
CA SER B 232 0.50 -3.92 28.41
C SER B 232 0.22 -2.66 29.26
N SER B 233 1.07 -1.64 29.09
CA SER B 233 1.04 -0.42 29.90
C SER B 233 -0.31 0.31 29.89
N ALA B 234 -0.99 0.37 28.73
CA ALA B 234 -2.26 1.11 28.57
C ALA B 234 -3.51 0.33 28.98
N GLU B 235 -3.30 -0.86 29.56
CA GLU B 235 -4.33 -1.73 30.16
C GLU B 235 -3.80 -2.36 31.48
N SER B 236 -3.75 -1.61 32.58
CA SER B 236 -3.37 -2.20 33.89
C SER B 236 -4.23 -1.75 35.12
N ALA B 237 -4.38 -0.44 35.33
CA ALA B 237 -4.96 0.12 36.57
C ALA B 237 -4.18 -0.26 37.86
N GLU B 238 -2.88 -0.57 37.71
CA GLU B 238 -1.96 -1.01 38.78
C GLU B 238 -0.93 0.11 38.99
N ASN B 239 -0.63 0.45 40.25
CA ASN B 239 0.27 1.57 40.61
C ASN B 239 1.70 1.44 40.05
N GLY B 240 2.18 0.20 39.88
CA GLY B 240 3.34 -0.11 39.03
C GLY B 240 2.94 -0.66 37.67
N ALA B 241 3.14 0.15 36.62
CA ALA B 241 2.94 -0.28 35.20
C ALA B 241 3.89 0.41 34.18
N HIS B 242 5.14 0.64 34.61
CA HIS B 242 6.34 0.77 33.74
C HIS B 242 6.45 1.93 32.69
N LEU B 243 5.38 2.32 32.00
CA LEU B 243 5.37 3.55 31.15
C LEU B 243 4.20 4.45 31.55
N PRO B 244 4.51 5.63 32.13
CA PRO B 244 3.50 6.40 32.85
C PRO B 244 2.53 7.21 31.98
N HIS B 245 3.08 7.96 31.01
CA HIS B 245 2.30 8.92 30.19
C HIS B 245 1.10 8.35 29.40
N VAL B 246 1.18 7.05 29.08
CA VAL B 246 0.14 6.35 28.32
C VAL B 246 -1.15 6.15 29.13
N ARG B 247 -0.97 5.90 30.44
CA ARG B 247 -2.09 5.72 31.39
C ARG B 247 -2.76 7.09 31.65
N GLU B 248 -1.91 8.11 31.76
CA GLU B 248 -2.38 9.51 31.78
C GLU B 248 -3.20 9.81 30.55
N TRP B 249 -2.65 9.48 29.39
CA TRP B 249 -3.29 9.77 28.14
C TRP B 249 -4.65 9.06 27.97
N VAL B 250 -4.72 7.77 28.34
CA VAL B 250 -6.01 7.06 28.35
C VAL B 250 -7.03 7.72 29.31
N ARG B 251 -6.59 8.02 30.55
CA ARG B 251 -7.45 8.67 31.55
C ARG B 251 -8.02 10.00 31.07
N ARG B 252 -7.18 10.83 30.46
CA ARG B 252 -7.60 12.13 29.90
C ARG B 252 -8.67 11.98 28.83
N LEU B 253 -8.41 11.06 27.90
CA LEU B 253 -9.29 10.85 26.75
C LEU B 253 -10.60 10.13 27.06
N ARG B 254 -10.54 9.11 27.92
CA ARG B 254 -11.72 8.30 28.25
C ARG B 254 -13.04 9.07 28.54
N PRO B 255 -13.00 10.13 29.38
CA PRO B 255 -14.16 11.00 29.56
C PRO B 255 -14.71 11.59 28.27
N ILE B 256 -13.78 12.09 27.44
CA ILE B 256 -14.13 12.77 26.19
C ILE B 256 -14.75 11.72 25.27
N ARG B 257 -14.31 10.45 25.42
CA ARG B 257 -14.98 9.32 24.76
C ARG B 257 -16.46 9.19 25.13
N GLU B 258 -16.78 8.82 26.38
CA GLU B 258 -18.17 8.61 26.84
C GLU B 258 -19.09 9.83 26.67
N ARG B 259 -18.56 11.05 26.88
CA ARG B 259 -19.35 12.28 26.62
C ARG B 259 -19.66 12.48 25.13
N ALA B 260 -18.79 11.95 24.27
CA ALA B 260 -19.04 11.94 22.83
C ALA B 260 -20.01 10.82 22.40
N ARG B 261 -19.93 9.64 23.03
CA ARG B 261 -20.88 8.52 22.78
C ARG B 261 -22.29 8.96 23.14
N ALA B 262 -22.43 9.43 24.38
CA ALA B 262 -23.73 9.88 24.92
C ALA B 262 -24.35 11.04 24.12
N LEU B 263 -23.51 11.86 23.51
CA LEU B 263 -23.96 12.98 22.68
C LEU B 263 -24.36 12.55 21.26
N LEU B 264 -23.84 11.40 20.80
CA LEU B 264 -24.29 10.76 19.55
C LEU B 264 -25.64 10.06 19.69
N GLU B 265 -25.87 9.39 20.84
CA GLU B 265 -27.21 8.86 21.16
C GLU B 265 -28.21 10.00 21.28
N SER B 266 -27.94 10.95 22.19
CA SER B 266 -28.79 12.16 22.31
C SER B 266 -28.94 12.88 20.96
N GLY B 267 -27.95 12.73 20.08
CA GLY B 267 -28.10 13.00 18.65
C GLY B 267 -28.04 14.47 18.29
N GLU B 268 -27.02 15.17 18.77
CA GLU B 268 -26.83 16.61 18.48
C GLU B 268 -25.58 16.97 17.65
N LEU B 269 -24.77 15.96 17.29
CA LEU B 269 -23.55 16.14 16.50
C LEU B 269 -23.59 15.19 15.30
N THR B 270 -23.19 15.72 14.16
CA THR B 270 -23.51 15.13 12.87
C THR B 270 -22.36 15.24 11.85
N PHE B 311 -17.26 3.03 18.67
CA PHE B 311 -18.38 3.63 17.98
C PHE B 311 -17.85 4.88 17.18
N GLY B 312 -18.69 5.64 16.45
CA GLY B 312 -18.34 7.02 16.01
C GLY B 312 -17.61 7.91 17.06
N ALA B 313 -17.69 7.51 18.33
CA ALA B 313 -16.84 7.96 19.44
C ALA B 313 -15.33 7.75 19.33
N TYR B 314 -14.90 6.54 18.95
CA TYR B 314 -13.47 6.29 18.67
C TYR B 314 -13.00 7.10 17.47
N ARG B 315 -13.86 7.32 16.48
CA ARG B 315 -13.51 8.20 15.35
C ARG B 315 -13.07 9.58 15.87
N LEU B 316 -13.77 10.07 16.89
CA LEU B 316 -13.51 11.37 17.47
C LEU B 316 -12.27 11.37 18.39
N VAL B 317 -12.11 10.32 19.18
CA VAL B 317 -11.05 10.29 20.16
C VAL B 317 -9.66 10.03 19.54
N ILE B 318 -9.58 9.19 18.50
CA ILE B 318 -8.31 8.96 17.75
C ILE B 318 -7.97 10.18 16.89
N ASN B 319 -8.96 10.82 16.29
CA ASN B 319 -8.68 12.07 15.62
C ASN B 319 -8.24 13.23 16.58
N CYS B 320 -8.73 13.24 17.82
CA CYS B 320 -8.28 14.27 18.80
C CYS B 320 -6.80 14.00 19.03
N THR B 321 -6.44 12.72 19.24
CA THR B 321 -5.02 12.35 19.36
C THR B 321 -4.12 12.86 18.20
N TYR B 322 -4.63 12.93 16.97
CA TYR B 322 -3.85 13.43 15.85
C TYR B 322 -3.65 14.93 16.03
N LEU B 323 -4.71 15.61 16.42
CA LEU B 323 -4.65 17.05 16.75
C LEU B 323 -3.63 17.35 17.91
N HIS B 324 -3.68 16.52 18.95
CA HIS B 324 -2.67 16.59 19.98
C HIS B 324 -1.25 16.54 19.42
N LEU B 325 -1.00 15.53 18.58
CA LEU B 325 0.30 15.36 17.97
C LEU B 325 0.70 16.54 17.09
N THR B 326 -0.28 17.20 16.47
CA THR B 326 0.03 18.38 15.67
C THR B 326 0.53 19.50 16.61
N ARG B 327 -0.09 19.56 17.80
CA ARG B 327 0.24 20.52 18.83
C ARG B 327 1.60 20.28 19.40
N LEU B 328 1.98 19.00 19.49
CA LEU B 328 3.32 18.63 19.95
C LEU B 328 4.38 18.89 18.88
N GLY B 329 3.99 19.41 17.71
CA GLY B 329 4.95 19.73 16.63
C GLY B 329 5.18 18.65 15.55
N LEU B 330 4.52 17.49 15.65
CA LEU B 330 4.66 16.42 14.62
C LEU B 330 4.10 16.82 13.25
N THR B 331 4.90 16.83 12.18
CA THR B 331 4.33 17.04 10.77
C THR B 331 3.29 15.98 10.37
N PRO B 332 2.40 16.29 9.46
CA PRO B 332 1.55 15.18 8.94
C PRO B 332 2.30 13.93 8.40
N HIS B 333 3.32 14.15 7.58
CA HIS B 333 4.20 13.05 7.07
C HIS B 333 4.61 12.15 8.21
N GLN B 334 5.14 12.74 9.27
CA GLN B 334 5.64 11.94 10.39
C GLN B 334 4.50 11.15 11.06
N ARG B 335 3.33 11.73 11.08
CA ARG B 335 2.17 11.11 11.69
C ARG B 335 1.71 9.90 10.88
N PHE B 336 1.65 10.06 9.57
CA PHE B 336 1.21 8.97 8.69
C PHE B 336 2.22 7.86 8.72
N LEU B 337 3.51 8.19 8.63
CA LEU B 337 4.59 7.23 8.90
C LEU B 337 4.37 6.44 10.18
N VAL B 338 3.95 7.13 11.22
CA VAL B 338 3.84 6.53 12.52
C VAL B 338 2.70 5.52 12.54
N CYS B 339 1.51 5.91 12.10
CA CYS B 339 0.41 5.00 11.90
C CYS B 339 0.82 3.78 11.05
N HIS B 340 1.53 4.03 9.98
CA HIS B 340 1.96 2.93 9.15
C HIS B 340 2.85 1.92 9.90
N LEU B 341 3.82 2.41 10.68
CA LEU B 341 4.69 1.52 11.44
C LEU B 341 3.96 0.89 12.60
N ALA B 342 2.86 1.48 13.05
CA ALA B 342 2.02 0.89 14.09
C ALA B 342 1.31 -0.31 13.52
N ALA B 343 0.65 -0.13 12.39
CA ALA B 343 -0.02 -1.25 11.71
C ALA B 343 0.91 -2.39 11.24
N ASP B 344 2.16 -2.08 10.88
CA ASP B 344 3.14 -3.15 10.51
C ASP B 344 3.65 -3.93 11.71
N ALA B 345 3.62 -3.33 12.90
CA ALA B 345 4.00 -4.04 14.13
C ALA B 345 2.81 -4.83 14.70
N ALA B 346 1.61 -4.25 14.60
CA ALA B 346 0.38 -4.93 14.98
C ALA B 346 0.14 -6.15 14.10
N ALA B 347 0.51 -6.05 12.83
CA ALA B 347 0.59 -7.21 11.93
C ALA B 347 1.49 -8.30 12.50
N ASP B 348 2.72 -7.98 12.85
CA ASP B 348 3.62 -9.00 13.37
C ASP B 348 3.12 -9.61 14.72
N VAL B 349 2.30 -8.92 15.53
CA VAL B 349 1.98 -9.48 16.86
C VAL B 349 0.59 -10.09 16.99
N TYR B 350 -0.41 -9.47 16.37
CA TYR B 350 -1.80 -9.96 16.44
C TYR B 350 -2.32 -10.54 15.11
N GLY B 351 -1.46 -10.58 14.09
CA GLY B 351 -1.81 -11.09 12.75
C GLY B 351 -1.47 -12.56 12.57
N ILE B 352 -1.08 -13.19 13.66
CA ILE B 352 -0.83 -14.61 13.71
C ILE B 352 -2.16 -15.32 14.15
N ALA B 353 -3.32 -14.69 13.91
CA ALA B 353 -4.64 -15.20 14.35
C ALA B 353 -5.80 -14.57 13.56
#